data_3K4I
#
_entry.id   3K4I
#
_cell.length_a   34.442
_cell.length_b   124.857
_cell.length_c   66.912
_cell.angle_alpha   90.000
_cell.angle_beta   97.990
_cell.angle_gamma   90.000
#
_symmetry.space_group_name_H-M   'P 1 21 1'
#
loop_
_entity.id
_entity.type
_entity.pdbx_description
1 polymer 'uncharacterized protein'
2 non-polymer 'CHLORIDE ION'
3 non-polymer 'MAGNESIUM ION'
4 water water
#
_entity_poly.entity_id   1
_entity_poly.type   'polypeptide(L)'
_entity_poly.pdbx_seq_one_letter_code
;(MSE)SLSVPFEYTPIAQSVLDECEHLDTASLSDALDSLGIDGGLPGIASQVPGTRCVGIAFTVQYQPVDASEGFRGAAN
YIDQVPSGSVIVSSNSGRHDCTVWGDI(MSE)THFALANGIKGTVIDGVARDIDTVINCNYPLFSRGRF(MSE)QSAKNR
TQLKAVQVPLVIDGITIQPGDL(MSE)VCDGSGCVVVPQQLAAEVVLRARAVEQTERRIIEAISSGSTLEQAR(MSE)TY
RYDQPWLSEAEHGGTQEGHHHHHH
;
_entity_poly.pdbx_strand_id   A,B,C
#
loop_
_chem_comp.id
_chem_comp.type
_chem_comp.name
_chem_comp.formula
CL non-polymer 'CHLORIDE ION' 'Cl -1'
MG non-polymer 'MAGNESIUM ION' 'Mg 2'
#
# COMPACT_ATOMS: atom_id res chain seq x y z
N PHE A 7 22.56 -12.54 -27.66
CA PHE A 7 22.03 -11.18 -27.37
C PHE A 7 22.52 -10.15 -28.40
N GLU A 8 21.66 -9.19 -28.75
CA GLU A 8 22.08 -8.03 -29.51
C GLU A 8 21.30 -6.78 -29.12
N TYR A 9 22.03 -5.67 -28.96
CA TYR A 9 21.37 -4.38 -28.78
C TYR A 9 20.53 -4.10 -30.02
N THR A 10 19.27 -3.80 -29.77
CA THR A 10 18.24 -3.69 -30.81
C THR A 10 17.48 -2.42 -30.58
N PRO A 11 17.57 -1.46 -31.53
CA PRO A 11 16.75 -0.26 -31.36
C PRO A 11 15.27 -0.58 -31.61
N ILE A 12 14.38 0.23 -31.03
CA ILE A 12 12.97 0.00 -31.17
C ILE A 12 12.35 1.24 -31.82
N ALA A 13 11.65 1.04 -32.92
CA ALA A 13 10.99 2.14 -33.62
C ALA A 13 10.02 2.90 -32.74
N GLN A 14 10.00 4.22 -32.93
CA GLN A 14 9.09 5.07 -32.18
C GLN A 14 7.65 4.62 -32.39
N SER A 15 7.30 4.17 -33.58
CA SER A 15 5.92 3.75 -33.79
C SER A 15 5.53 2.53 -32.96
N VAL A 16 6.48 1.64 -32.67
CA VAL A 16 6.28 0.53 -31.73
C VAL A 16 6.04 1.03 -30.29
N LEU A 17 6.89 1.93 -29.80
CA LEU A 17 6.64 2.64 -28.53
C LEU A 17 5.26 3.34 -28.47
N ASP A 18 4.88 4.03 -29.55
CA ASP A 18 3.59 4.70 -29.57
C ASP A 18 2.45 3.69 -29.51
N GLU A 19 2.58 2.60 -30.26
CA GLU A 19 1.57 1.55 -30.20
C GLU A 19 1.48 0.88 -28.83
N CYS A 20 2.57 0.94 -28.09
CA CYS A 20 2.64 0.29 -26.80
C CYS A 20 2.05 1.24 -25.75
N GLU A 21 1.94 2.51 -26.11
CA GLU A 21 1.52 3.58 -25.20
C GLU A 21 0.34 3.23 -24.31
N HIS A 22 -0.71 2.64 -24.88
CA HIS A 22 -1.90 2.30 -24.09
C HIS A 22 -2.03 0.83 -23.63
N LEU A 23 -1.10 -0.03 -24.04
CA LEU A 23 -1.21 -1.45 -23.75
C LEU A 23 -1.01 -1.80 -22.26
N ASP A 24 -1.89 -2.63 -21.73
CA ASP A 24 -1.76 -3.04 -20.33
C ASP A 24 -0.61 -4.03 -20.15
N THR A 25 -0.03 -4.03 -18.96
CA THR A 25 1.04 -4.97 -18.62
C THR A 25 0.57 -6.42 -18.74
N ALA A 26 -0.71 -6.68 -18.45
CA ALA A 26 -1.24 -8.06 -18.61
C ALA A 26 -1.08 -8.56 -20.06
N SER A 27 -1.38 -7.69 -21.01
CA SER A 27 -1.31 -8.04 -22.44
C SER A 27 0.15 -8.30 -22.85
N LEU A 28 1.06 -7.48 -22.35
CA LEU A 28 2.48 -7.66 -22.67
C LEU A 28 3.02 -8.95 -22.04
N SER A 29 2.59 -9.25 -20.83
CA SER A 29 3.01 -10.49 -20.17
C SER A 29 2.48 -11.70 -20.91
N ASP A 30 1.22 -11.63 -21.37
CA ASP A 30 0.61 -12.76 -22.11
C ASP A 30 1.35 -13.01 -23.43
N ALA A 31 1.75 -11.94 -24.08
CA ALA A 31 2.54 -12.00 -25.30
C ALA A 31 3.89 -12.61 -25.03
N LEU A 32 4.55 -12.14 -23.98
CA LEU A 32 5.82 -12.72 -23.57
C LEU A 32 5.71 -14.19 -23.28
N ASP A 33 4.66 -14.59 -22.56
CA ASP A 33 4.43 -16.00 -22.26
C ASP A 33 4.35 -16.85 -23.52
N SER A 34 3.77 -16.29 -24.58
CA SER A 34 3.63 -17.01 -25.85
C SER A 34 4.99 -17.32 -26.48
N LEU A 35 6.00 -16.56 -26.06
CA LEU A 35 7.39 -16.79 -26.45
C LEU A 35 8.20 -17.56 -25.41
N GLY A 36 7.54 -17.99 -24.33
CA GLY A 36 8.18 -18.71 -23.21
C GLY A 36 8.98 -17.85 -22.26
N ILE A 37 8.66 -16.56 -22.18
CA ILE A 37 9.45 -15.61 -21.41
C ILE A 37 8.64 -15.03 -20.23
N ASP A 38 9.24 -15.06 -19.04
CA ASP A 38 8.72 -14.37 -17.83
C ASP A 38 9.23 -12.93 -17.83
N GLY A 39 8.32 -11.96 -17.71
CA GLY A 39 8.76 -10.56 -17.68
C GLY A 39 8.40 -9.76 -16.43
N GLY A 40 7.56 -10.32 -15.57
CA GLY A 40 7.04 -9.58 -14.44
C GLY A 40 8.06 -9.40 -13.34
N LEU A 41 8.01 -8.26 -12.66
CA LEU A 41 8.86 -7.98 -11.49
C LEU A 41 8.02 -7.93 -10.23
N PRO A 42 7.80 -9.09 -9.60
CA PRO A 42 6.90 -9.11 -8.45
C PRO A 42 7.36 -8.22 -7.30
N GLY A 43 6.41 -7.53 -6.69
CA GLY A 43 6.76 -6.67 -5.55
C GLY A 43 7.13 -5.24 -5.92
N ILE A 44 7.47 -5.00 -7.19
CA ILE A 44 7.72 -3.62 -7.65
C ILE A 44 6.40 -2.95 -8.01
N ALA A 45 5.86 -2.20 -7.05
CA ALA A 45 4.47 -1.75 -7.11
C ALA A 45 4.35 -0.30 -7.53
N SER A 46 3.26 0.02 -8.23
CA SER A 46 2.98 1.40 -8.60
C SER A 46 2.78 2.22 -7.34
N GLN A 47 3.45 3.37 -7.29
CA GLN A 47 3.38 4.24 -6.11
C GLN A 47 2.51 5.46 -6.32
N VAL A 48 2.12 5.72 -7.56
CA VAL A 48 1.36 6.95 -7.89
C VAL A 48 0.09 6.47 -8.61
N PRO A 49 -1.03 6.38 -7.87
CA PRO A 49 -2.27 5.94 -8.50
C PRO A 49 -2.55 6.56 -9.87
N GLY A 50 -2.95 5.71 -10.82
CA GLY A 50 -3.39 6.14 -12.14
C GLY A 50 -2.30 6.42 -13.15
N THR A 51 -1.05 6.12 -12.79
CA THR A 51 0.05 6.41 -13.69
C THR A 51 0.51 5.13 -14.42
N ARG A 52 1.26 5.34 -15.49
CA ARG A 52 1.82 4.26 -16.29
C ARG A 52 2.98 4.83 -17.08
N CYS A 53 3.86 3.95 -17.55
CA CYS A 53 4.90 4.42 -18.45
C CYS A 53 5.34 3.36 -19.41
N VAL A 54 5.89 3.80 -20.53
CA VAL A 54 6.48 2.93 -21.52
C VAL A 54 7.79 3.62 -21.91
N GLY A 55 8.87 2.84 -21.96
CA GLY A 55 10.12 3.42 -22.46
C GLY A 55 11.26 2.46 -22.40
N ILE A 56 12.45 2.99 -22.66
CA ILE A 56 13.65 2.17 -22.85
C ILE A 56 14.44 2.12 -21.56
N ALA A 57 14.79 0.92 -21.09
CA ALA A 57 15.47 0.81 -19.83
C ALA A 57 16.87 1.45 -19.88
N PHE A 58 17.08 2.38 -18.95
CA PHE A 58 18.41 2.86 -18.61
C PHE A 58 18.68 2.34 -17.21
N THR A 59 19.69 1.48 -17.08
CA THR A 59 19.90 0.77 -15.84
C THR A 59 20.91 1.45 -14.92
N VAL A 60 20.65 1.34 -13.63
CA VAL A 60 21.51 1.95 -12.62
C VAL A 60 21.66 0.95 -11.47
N GLN A 61 22.90 0.58 -11.15
CA GLN A 61 23.16 -0.35 -10.07
C GLN A 61 23.82 0.39 -8.92
N TYR A 62 23.23 0.28 -7.74
CA TYR A 62 23.84 0.76 -6.50
C TYR A 62 24.47 -0.37 -5.71
N GLN A 63 25.36 0.00 -4.79
CA GLN A 63 25.96 -0.98 -3.90
C GLN A 63 26.19 -0.37 -2.52
N PRO A 64 26.40 -1.21 -1.49
CA PRO A 64 26.58 -0.59 -0.18
C PRO A 64 27.84 0.26 -0.14
N VAL A 65 27.87 1.21 0.78
CA VAL A 65 29.07 2.04 0.97
C VAL A 65 30.13 1.17 1.64
N ASN A 76 24.76 13.64 -10.55
CA ASN A 76 25.09 12.21 -10.66
C ASN A 76 24.82 11.65 -12.07
N TYR A 77 24.45 10.38 -12.14
CA TYR A 77 24.27 9.66 -13.40
C TYR A 77 23.18 10.25 -14.32
N ILE A 78 22.24 10.98 -13.74
CA ILE A 78 20.97 11.26 -14.45
C ILE A 78 21.18 12.15 -15.69
N ASP A 79 22.28 12.89 -15.71
CA ASP A 79 22.61 13.72 -16.88
C ASP A 79 22.85 12.91 -18.14
N GLN A 80 23.19 11.63 -17.95
CA GLN A 80 23.44 10.71 -19.04
C GLN A 80 22.21 9.97 -19.56
N VAL A 81 21.05 10.15 -18.93
CA VAL A 81 19.87 9.38 -19.32
C VAL A 81 19.15 10.02 -20.53
N PRO A 82 19.04 9.30 -21.65
CA PRO A 82 18.37 9.86 -22.84
C PRO A 82 16.89 10.06 -22.62
N SER A 83 16.32 11.11 -23.24
CA SER A 83 14.86 11.24 -23.30
C SER A 83 14.23 9.92 -23.78
N GLY A 84 13.09 9.57 -23.20
CA GLY A 84 12.35 8.37 -23.61
C GLY A 84 12.71 7.17 -22.77
N SER A 85 13.69 7.35 -21.89
CA SER A 85 14.09 6.28 -20.98
C SER A 85 13.11 6.04 -19.85
N VAL A 86 13.09 4.78 -19.39
CA VAL A 86 12.57 4.46 -18.06
C VAL A 86 13.80 4.07 -17.25
N ILE A 87 14.06 4.80 -16.18
CA ILE A 87 15.21 4.48 -15.33
C ILE A 87 14.86 3.27 -14.47
N VAL A 88 15.74 2.26 -14.51
CA VAL A 88 15.54 1.08 -13.68
C VAL A 88 16.72 1.05 -12.69
N SER A 89 16.43 1.30 -11.42
CA SER A 89 17.46 1.39 -10.38
C SER A 89 17.43 0.21 -9.43
N SER A 90 18.57 -0.46 -9.31
CA SER A 90 18.67 -1.60 -8.45
C SER A 90 19.41 -1.22 -7.19
N ASN A 91 18.80 -1.47 -6.03
CA ASN A 91 19.40 -1.09 -4.76
C ASN A 91 19.23 -2.21 -3.77
N SER A 92 19.43 -3.44 -4.26
CA SER A 92 19.36 -4.62 -3.40
C SER A 92 18.05 -4.74 -2.56
N GLY A 93 16.97 -4.10 -3.03
CA GLY A 93 15.67 -4.20 -2.37
C GLY A 93 15.67 -3.54 -1.01
N ARG A 94 16.65 -2.68 -0.78
CA ARG A 94 16.84 -2.04 0.53
C ARG A 94 15.69 -1.12 0.93
N HIS A 95 15.39 -1.11 2.22
CA HIS A 95 14.29 -0.32 2.74
C HIS A 95 14.80 0.80 3.66
N ASP A 96 16.12 0.92 3.81
CA ASP A 96 16.73 1.83 4.78
C ASP A 96 17.23 3.14 4.16
N CYS A 97 17.15 3.24 2.83
CA CYS A 97 17.61 4.44 2.11
C CYS A 97 16.90 4.46 0.77
N THR A 98 16.84 5.65 0.16
CA THR A 98 16.04 5.87 -1.05
C THR A 98 16.98 6.29 -2.20
N VAL A 99 16.59 5.93 -3.43
CA VAL A 99 17.39 6.26 -4.64
C VAL A 99 16.57 7.08 -5.66
N TRP A 100 15.54 7.77 -5.17
CA TRP A 100 14.73 8.68 -6.01
C TRP A 100 14.05 9.63 -5.10
N GLY A 101 13.94 10.89 -5.52
CA GLY A 101 13.24 11.84 -4.69
C GLY A 101 12.89 13.06 -5.52
N ASP A 102 12.72 14.20 -4.86
CA ASP A 102 12.12 15.35 -5.54
C ASP A 102 12.97 15.97 -6.65
N ILE A 103 14.27 16.09 -6.40
CA ILE A 103 15.20 16.68 -7.38
C ILE A 103 15.17 15.84 -8.65
N MSE A 104 15.28 14.51 -8.51
CA MSE A 104 15.31 13.67 -9.67
C MSE A 104 13.97 13.65 -10.43
O MSE A 104 13.96 13.51 -11.66
CB MSE A 104 15.77 12.25 -9.26
CG MSE A 104 17.18 12.32 -8.66
SE MSE A 104 17.64 10.68 -7.77
CE MSE A 104 18.23 9.87 -9.31
N THR A 105 12.85 13.80 -9.70
CA THR A 105 11.54 13.86 -10.32
C THR A 105 11.41 15.07 -11.22
N HIS A 106 11.80 16.23 -10.69
CA HIS A 106 11.77 17.47 -11.46
C HIS A 106 12.76 17.42 -12.63
N PHE A 107 13.90 16.74 -12.42
CA PHE A 107 14.81 16.47 -13.54
C PHE A 107 14.15 15.64 -14.67
N ALA A 108 13.51 14.54 -14.29
CA ALA A 108 12.87 13.69 -15.28
C ALA A 108 11.78 14.44 -16.06
N LEU A 109 11.03 15.27 -15.35
CA LEU A 109 9.98 16.02 -16.04
C LEU A 109 10.54 17.04 -17.05
N ALA A 110 11.76 17.54 -16.78
CA ALA A 110 12.38 18.55 -17.67
C ALA A 110 13.19 17.93 -18.83
N ASN A 111 13.38 16.61 -18.78
CA ASN A 111 14.33 15.96 -19.67
C ASN A 111 13.78 14.72 -20.36
N GLY A 112 12.46 14.60 -20.34
CA GLY A 112 11.78 13.59 -21.14
C GLY A 112 11.97 12.18 -20.65
N ILE A 113 12.28 12.04 -19.36
CA ILE A 113 12.34 10.71 -18.74
C ILE A 113 10.91 10.28 -18.32
N LYS A 114 10.55 9.05 -18.74
CA LYS A 114 9.18 8.52 -18.72
C LYS A 114 8.74 7.89 -17.40
N GLY A 115 9.68 7.39 -16.61
CA GLY A 115 9.34 6.84 -15.29
C GLY A 115 10.55 6.17 -14.65
N THR A 116 10.37 5.75 -13.40
CA THR A 116 11.43 5.15 -12.63
C THR A 116 10.91 3.89 -11.95
N VAL A 117 11.68 2.81 -12.05
CA VAL A 117 11.35 1.48 -11.51
C VAL A 117 12.53 1.18 -10.56
N ILE A 118 12.22 0.88 -9.30
CA ILE A 118 13.25 0.74 -8.25
C ILE A 118 13.12 -0.58 -7.54
N ASP A 119 14.21 -1.35 -7.56
CA ASP A 119 14.39 -2.47 -6.63
C ASP A 119 14.94 -1.90 -5.30
N GLY A 120 14.01 -1.33 -4.52
CA GLY A 120 14.29 -0.56 -3.31
C GLY A 120 13.16 0.47 -3.18
N VAL A 121 13.46 1.59 -2.55
CA VAL A 121 12.41 2.55 -2.16
C VAL A 121 12.74 3.97 -2.59
N ALA A 122 11.73 4.84 -2.57
CA ALA A 122 11.84 6.22 -3.01
C ALA A 122 11.34 7.15 -1.91
N ARG A 123 11.78 8.41 -1.96
CA ARG A 123 11.28 9.44 -1.04
C ARG A 123 10.55 10.55 -1.77
N ASP A 124 10.10 11.54 -1.00
CA ASP A 124 9.35 12.68 -1.55
C ASP A 124 8.13 12.23 -2.37
N ILE A 125 7.40 11.28 -1.81
CA ILE A 125 6.27 10.67 -2.48
C ILE A 125 5.17 11.69 -2.75
N ASP A 126 5.03 12.66 -1.85
CA ASP A 126 4.01 13.69 -2.04
C ASP A 126 4.32 14.55 -3.27
N THR A 127 5.59 14.89 -3.48
CA THR A 127 6.01 15.60 -4.71
C THR A 127 5.82 14.72 -5.93
N VAL A 128 6.19 13.45 -5.82
CA VAL A 128 6.07 12.58 -6.95
C VAL A 128 4.59 12.45 -7.36
N ILE A 129 3.70 12.28 -6.39
CA ILE A 129 2.27 12.24 -6.67
C ILE A 129 1.79 13.54 -7.30
N ASN A 130 2.26 14.67 -6.77
CA ASN A 130 1.80 15.98 -7.26
C ASN A 130 2.25 16.25 -8.69
N CYS A 131 3.45 15.77 -9.04
CA CYS A 131 4.01 15.85 -10.39
C CYS A 131 3.44 14.78 -11.35
N ASN A 132 2.61 13.89 -10.80
CA ASN A 132 2.03 12.76 -11.52
C ASN A 132 3.11 11.95 -12.25
N TYR A 133 4.24 11.72 -11.56
CA TYR A 133 5.37 11.04 -12.18
C TYR A 133 5.27 9.51 -11.99
N PRO A 134 5.40 8.72 -13.07
CA PRO A 134 5.20 7.25 -12.91
C PRO A 134 6.37 6.59 -12.17
N LEU A 135 6.15 6.34 -10.88
CA LEU A 135 7.16 5.75 -10.02
C LEU A 135 6.74 4.37 -9.52
N PHE A 136 7.62 3.37 -9.64
CA PHE A 136 7.33 2.01 -9.21
C PHE A 136 8.46 1.52 -8.34
N SER A 137 8.14 1.00 -7.16
CA SER A 137 9.17 0.64 -6.18
C SER A 137 8.64 -0.38 -5.17
N ARG A 138 9.48 -0.79 -4.23
CA ARG A 138 9.07 -1.71 -3.17
C ARG A 138 8.51 -0.92 -1.98
N GLY A 139 8.33 0.39 -2.19
CA GLY A 139 7.78 1.23 -1.16
C GLY A 139 8.35 2.63 -1.05
N ARG A 140 8.11 3.19 0.12
CA ARG A 140 8.31 4.60 0.39
C ARG A 140 9.09 4.76 1.69
N PHE A 141 10.06 5.67 1.68
CA PHE A 141 10.82 5.98 2.89
C PHE A 141 11.41 7.38 2.72
N MSE A 142 12.20 7.85 3.69
CA MSE A 142 12.72 9.23 3.57
C MSE A 142 14.21 9.39 3.74
O MSE A 142 14.75 10.45 3.45
CB MSE A 142 11.94 10.24 4.48
CG MSE A 142 12.38 10.35 5.98
SE MSE A 142 12.38 8.59 6.85
CE MSE A 142 10.45 8.35 6.90
N GLN A 143 14.89 8.35 4.20
CA GLN A 143 16.34 8.48 4.45
C GLN A 143 17.13 8.52 3.17
N SER A 144 18.04 9.49 3.10
CA SER A 144 18.89 9.69 1.92
C SER A 144 19.83 8.53 1.61
N ALA A 145 20.20 8.41 0.34
CA ALA A 145 21.27 7.49 -0.09
C ALA A 145 22.64 7.86 0.50
N LYS A 146 22.82 9.14 0.80
CA LYS A 146 24.13 9.63 1.28
C LYS A 146 24.64 8.80 2.45
N ASN A 147 25.87 8.31 2.27
CA ASN A 147 26.58 7.52 3.27
C ASN A 147 25.87 6.22 3.63
N ARG A 148 24.93 5.78 2.77
CA ARG A 148 24.22 4.49 2.95
C ARG A 148 24.35 3.59 1.73
N THR A 149 24.20 4.18 0.55
CA THR A 149 24.36 3.39 -0.68
C THR A 149 25.07 4.24 -1.74
N GLN A 150 25.80 3.59 -2.65
CA GLN A 150 26.56 4.38 -3.62
C GLN A 150 26.38 3.82 -5.02
N LEU A 151 26.51 4.69 -6.01
CA LEU A 151 26.46 4.24 -7.42
C LEU A 151 27.61 3.28 -7.74
N LYS A 152 27.28 2.12 -8.31
CA LYS A 152 28.26 1.13 -8.72
C LYS A 152 28.57 1.28 -10.21
N ALA A 153 27.52 1.30 -11.04
CA ALA A 153 27.66 1.37 -12.49
C ALA A 153 26.31 1.69 -13.13
N VAL A 154 26.37 2.23 -14.35
CA VAL A 154 25.16 2.40 -15.17
C VAL A 154 25.27 1.61 -16.49
N GLN A 155 24.11 1.33 -17.09
CA GLN A 155 24.00 0.65 -18.37
C GLN A 155 24.73 -0.67 -18.30
N VAL A 156 24.53 -1.36 -17.19
CA VAL A 156 24.95 -2.75 -17.02
C VAL A 156 23.70 -3.61 -16.84
N PRO A 157 23.82 -4.93 -17.06
CA PRO A 157 22.67 -5.79 -16.76
C PRO A 157 22.34 -5.82 -15.26
N LEU A 158 21.04 -5.84 -14.95
CA LEU A 158 20.54 -5.89 -13.57
C LEU A 158 19.81 -7.20 -13.43
N VAL A 159 19.69 -7.65 -12.18
CA VAL A 159 18.89 -8.82 -11.84
C VAL A 159 17.92 -8.40 -10.75
N ILE A 160 16.63 -8.47 -11.08
CA ILE A 160 15.54 -8.17 -10.14
C ILE A 160 14.56 -9.31 -10.16
N ASP A 161 14.34 -9.91 -8.99
CA ASP A 161 13.42 -11.06 -8.87
C ASP A 161 13.76 -12.19 -9.88
N GLY A 162 15.05 -12.46 -10.08
CA GLY A 162 15.47 -13.47 -11.05
C GLY A 162 15.36 -13.12 -12.55
N ILE A 163 14.93 -11.89 -12.84
CA ILE A 163 14.75 -11.41 -14.22
C ILE A 163 15.93 -10.51 -14.57
N THR A 164 16.60 -10.80 -15.68
CA THR A 164 17.69 -9.95 -16.09
C THR A 164 17.15 -8.82 -16.94
N ILE A 165 17.58 -7.59 -16.63
CA ILE A 165 17.19 -6.42 -17.39
C ILE A 165 18.42 -5.86 -18.11
N GLN A 166 18.35 -5.78 -19.44
CA GLN A 166 19.47 -5.27 -20.22
C GLN A 166 19.18 -3.80 -20.56
N PRO A 167 20.22 -2.95 -20.58
CA PRO A 167 19.96 -1.58 -21.06
C PRO A 167 19.39 -1.66 -22.46
N GLY A 168 18.38 -0.84 -22.77
CA GLY A 168 17.71 -0.93 -24.07
C GLY A 168 16.44 -1.78 -24.08
N ASP A 169 16.18 -2.55 -23.01
CA ASP A 169 14.95 -3.35 -22.93
C ASP A 169 13.71 -2.46 -22.86
N LEU A 170 12.56 -2.99 -23.27
CA LEU A 170 11.33 -2.21 -23.24
C LEU A 170 10.66 -2.44 -21.88
N MSE A 171 10.47 -1.34 -21.15
CA MSE A 171 9.81 -1.38 -19.84
C MSE A 171 8.40 -0.87 -19.97
O MSE A 171 8.18 0.21 -20.58
CB MSE A 171 10.52 -0.49 -18.78
CG MSE A 171 11.99 -0.76 -18.54
SE MSE A 171 12.24 -2.57 -17.93
CE MSE A 171 11.10 -2.49 -16.36
N VAL A 172 7.44 -1.59 -19.42
CA VAL A 172 6.03 -1.14 -19.40
C VAL A 172 5.49 -1.38 -18.01
N CYS A 173 4.99 -0.30 -17.40
CA CYS A 173 4.51 -0.36 -16.03
C CYS A 173 3.16 0.33 -15.88
N ASP A 174 2.31 -0.23 -15.03
CA ASP A 174 1.00 0.34 -14.72
C ASP A 174 0.54 -0.07 -13.34
N GLY A 175 -0.76 0.00 -13.06
CA GLY A 175 -1.25 -0.31 -11.72
C GLY A 175 -0.98 -1.74 -11.27
N SER A 176 -0.80 -2.61 -12.25
CA SER A 176 -0.57 -4.03 -11.99
C SER A 176 0.91 -4.35 -11.78
N GLY A 177 1.77 -3.35 -12.02
CA GLY A 177 3.20 -3.52 -11.81
C GLY A 177 4.03 -3.31 -13.06
N CYS A 178 5.23 -3.92 -13.09
CA CYS A 178 6.25 -3.69 -14.11
C CYS A 178 6.61 -4.95 -14.88
N VAL A 179 6.71 -4.79 -16.20
CA VAL A 179 7.08 -5.88 -17.12
C VAL A 179 8.35 -5.50 -17.90
N VAL A 180 9.28 -6.46 -17.99
CA VAL A 180 10.54 -6.30 -18.76
C VAL A 180 10.38 -7.06 -20.07
N VAL A 181 10.50 -6.35 -21.19
CA VAL A 181 10.40 -6.94 -22.53
C VAL A 181 11.76 -6.90 -23.21
N PRO A 182 12.36 -8.10 -23.48
CA PRO A 182 13.69 -8.07 -24.06
C PRO A 182 13.67 -7.36 -25.41
N GLN A 183 14.63 -6.45 -25.60
CA GLN A 183 14.61 -5.57 -26.77
C GLN A 183 14.57 -6.31 -28.10
N GLN A 184 15.22 -7.47 -28.20
CA GLN A 184 15.18 -8.19 -29.47
C GLN A 184 13.80 -8.75 -29.82
N LEU A 185 12.95 -8.92 -28.81
CA LEU A 185 11.61 -9.44 -29.03
C LEU A 185 10.55 -8.36 -28.94
N ALA A 186 11.00 -7.12 -28.74
CA ALA A 186 10.03 -6.07 -28.36
C ALA A 186 8.92 -5.82 -29.40
N ALA A 187 9.30 -5.72 -30.67
CA ALA A 187 8.34 -5.45 -31.71
C ALA A 187 7.35 -6.60 -31.82
N GLU A 188 7.86 -7.83 -31.73
CA GLU A 188 6.97 -9.00 -31.79
C GLU A 188 5.98 -9.01 -30.60
N VAL A 189 6.48 -8.78 -29.39
CA VAL A 189 5.69 -8.79 -28.19
C VAL A 189 4.59 -7.71 -28.23
N VAL A 190 4.95 -6.53 -28.70
CA VAL A 190 3.95 -5.48 -28.80
C VAL A 190 2.86 -5.87 -29.79
N LEU A 191 3.22 -6.43 -30.96
CA LEU A 191 2.18 -6.80 -31.91
C LEU A 191 1.25 -7.88 -31.31
N ARG A 192 1.85 -8.87 -30.65
CA ARG A 192 1.05 -9.96 -30.04
C ARG A 192 0.17 -9.43 -28.90
N ALA A 193 0.73 -8.51 -28.11
CA ALA A 193 -0.02 -7.91 -27.01
C ALA A 193 -1.25 -7.15 -27.53
N ARG A 194 -1.10 -6.45 -28.65
CA ARG A 194 -2.22 -5.74 -29.28
C ARG A 194 -3.30 -6.72 -29.69
N ALA A 195 -2.85 -7.88 -30.22
CA ALA A 195 -3.76 -8.97 -30.61
C ALA A 195 -4.53 -9.49 -29.41
N VAL A 196 -3.81 -9.74 -28.31
CA VAL A 196 -4.45 -10.13 -27.05
C VAL A 196 -5.56 -9.15 -26.61
N GLU A 197 -5.29 -7.85 -26.66
CA GLU A 197 -6.28 -6.87 -26.19
C GLU A 197 -7.50 -6.81 -27.11
N GLN A 198 -7.27 -6.97 -28.41
CA GLN A 198 -8.35 -6.92 -29.39
C GLN A 198 -9.26 -8.11 -29.17
N THR A 199 -8.66 -9.29 -29.00
CA THR A 199 -9.41 -10.51 -28.66
C THR A 199 -10.24 -10.34 -27.38
N GLU A 200 -9.61 -9.79 -26.35
CA GLU A 200 -10.26 -9.58 -25.07
C GLU A 200 -11.37 -8.55 -25.15
N ARG A 201 -11.17 -7.52 -25.97
CA ARG A 201 -12.21 -6.50 -26.19
C ARG A 201 -13.50 -7.13 -26.71
N ARG A 202 -13.37 -8.07 -27.64
CA ARG A 202 -14.54 -8.75 -28.21
C ARG A 202 -15.25 -9.59 -27.17
N ILE A 203 -14.47 -10.21 -26.28
CA ILE A 203 -15.03 -11.04 -25.22
C ILE A 203 -15.76 -10.17 -24.20
N ILE A 204 -15.11 -9.08 -23.79
CA ILE A 204 -15.67 -8.16 -22.78
C ILE A 204 -16.99 -7.57 -23.28
N GLU A 205 -17.02 -7.24 -24.58
CA GLU A 205 -18.23 -6.63 -25.16
C GLU A 205 -19.39 -7.61 -25.25
N ALA A 206 -19.09 -8.87 -25.57
CA ALA A 206 -20.07 -9.95 -25.51
C ALA A 206 -20.63 -10.13 -24.09
N ILE A 207 -19.71 -10.16 -23.11
CA ILE A 207 -20.07 -10.29 -21.70
C ILE A 207 -20.97 -9.15 -21.23
N SER A 208 -20.59 -7.92 -21.60
CA SER A 208 -21.25 -6.73 -21.10
C SER A 208 -22.69 -6.60 -21.63
N SER A 209 -22.96 -7.23 -22.76
CA SER A 209 -24.31 -7.24 -23.34
C SER A 209 -25.13 -8.48 -22.98
N GLY A 210 -24.59 -9.32 -22.09
CA GLY A 210 -25.37 -10.40 -21.48
C GLY A 210 -25.02 -11.83 -21.90
N SER A 211 -23.89 -12.01 -22.57
CA SER A 211 -23.47 -13.35 -22.99
C SER A 211 -22.82 -14.10 -21.82
N THR A 212 -22.94 -15.42 -21.82
CA THR A 212 -22.15 -16.25 -20.90
C THR A 212 -20.68 -16.11 -21.27
N LEU A 213 -19.78 -16.47 -20.35
CA LEU A 213 -18.35 -16.43 -20.66
C LEU A 213 -18.04 -17.47 -21.75
N GLU A 214 -18.69 -18.63 -21.66
CA GLU A 214 -18.57 -19.69 -22.67
C GLU A 214 -18.85 -19.19 -24.09
N GLN A 215 -20.03 -18.56 -24.29
CA GLN A 215 -20.41 -18.00 -25.59
C GLN A 215 -19.47 -16.89 -26.03
N ALA A 216 -19.03 -16.07 -25.07
CA ALA A 216 -18.18 -14.90 -25.36
C ALA A 216 -16.81 -15.30 -25.90
N ARG A 217 -16.28 -16.43 -25.43
CA ARG A 217 -15.02 -16.97 -25.94
C ARG A 217 -15.16 -17.47 -27.38
N MSE A 218 -16.38 -17.75 -27.80
CA MSE A 218 -16.64 -18.19 -29.18
C MSE A 218 -17.71 -17.34 -29.88
O MSE A 218 -17.46 -16.17 -30.20
CB MSE A 218 -17.03 -19.66 -29.20
CG MSE A 218 -15.82 -20.60 -29.14
SE MSE A 218 -16.16 -22.25 -28.15
CE MSE A 218 -14.63 -23.29 -28.78
N TYR B 9 -24.28 -26.98 5.83
CA TYR B 9 -24.62 -26.09 4.68
C TYR B 9 -26.02 -25.53 4.88
N THR B 10 -26.11 -24.20 4.90
CA THR B 10 -27.33 -23.54 5.34
C THR B 10 -27.46 -22.19 4.65
N PRO B 11 -28.61 -21.94 3.99
CA PRO B 11 -28.80 -20.60 3.45
C PRO B 11 -28.83 -19.61 4.59
N ILE B 12 -28.65 -18.35 4.26
CA ILE B 12 -28.69 -17.27 5.23
C ILE B 12 -29.94 -16.44 4.96
N ALA B 13 -30.59 -16.00 6.03
CA ALA B 13 -31.80 -15.17 5.88
C ALA B 13 -31.49 -13.85 5.20
N GLN B 14 -32.39 -13.42 4.32
CA GLN B 14 -32.16 -12.15 3.62
C GLN B 14 -32.03 -11.00 4.61
N SER B 15 -32.85 -11.00 5.64
CA SER B 15 -32.78 -9.95 6.67
C SER B 15 -31.40 -9.89 7.34
N VAL B 16 -30.74 -11.03 7.47
CA VAL B 16 -29.39 -11.10 8.03
C VAL B 16 -28.39 -10.47 7.04
N LEU B 17 -28.54 -10.80 5.77
CA LEU B 17 -27.74 -10.14 4.73
C LEU B 17 -27.97 -8.61 4.69
N ASP B 18 -29.21 -8.18 4.92
CA ASP B 18 -29.56 -6.76 4.81
C ASP B 18 -28.96 -5.94 5.94
N GLU B 19 -29.06 -6.47 7.16
CA GLU B 19 -28.46 -5.85 8.34
C GLU B 19 -26.96 -5.72 8.18
N CYS B 20 -26.36 -6.74 7.57
CA CYS B 20 -24.93 -6.84 7.40
C CYS B 20 -24.40 -5.78 6.44
N GLU B 21 -25.28 -5.33 5.54
CA GLU B 21 -24.94 -4.30 4.58
C GLU B 21 -24.54 -2.98 5.28
N HIS B 22 -24.99 -2.79 6.51
CA HIS B 22 -24.58 -1.60 7.27
C HIS B 22 -23.64 -1.90 8.46
N LEU B 23 -22.94 -3.04 8.38
CA LEU B 23 -21.94 -3.42 9.38
C LEU B 23 -20.51 -3.39 8.85
N ASP B 24 -19.55 -3.34 9.78
CA ASP B 24 -18.13 -3.19 9.48
C ASP B 24 -17.44 -4.51 9.71
N THR B 25 -16.28 -4.68 9.11
CA THR B 25 -15.44 -5.82 9.47
C THR B 25 -15.08 -5.81 10.97
N ALA B 26 -14.93 -4.62 11.56
CA ALA B 26 -14.58 -4.57 12.99
C ALA B 26 -15.73 -5.11 13.84
N SER B 27 -16.97 -4.73 13.49
CA SER B 27 -18.15 -5.14 14.26
C SER B 27 -18.34 -6.64 14.19
N LEU B 28 -18.16 -7.18 13.00
CA LEU B 28 -18.29 -8.62 12.78
C LEU B 28 -17.18 -9.41 13.48
N SER B 29 -15.95 -8.89 13.44
CA SER B 29 -14.84 -9.56 14.12
C SER B 29 -15.06 -9.55 15.63
N ASP B 30 -15.53 -8.42 16.17
CA ASP B 30 -15.79 -8.35 17.61
C ASP B 30 -16.87 -9.34 18.02
N ALA B 31 -17.87 -9.48 17.15
CA ALA B 31 -18.94 -10.43 17.38
C ALA B 31 -18.40 -11.86 17.35
N LEU B 32 -17.60 -12.20 16.34
CA LEU B 32 -16.95 -13.53 16.28
C LEU B 32 -16.09 -13.82 17.51
N ASP B 33 -15.27 -12.86 17.94
CA ASP B 33 -14.47 -13.00 19.16
C ASP B 33 -15.30 -13.41 20.37
N SER B 34 -16.46 -12.79 20.50
CA SER B 34 -17.39 -13.07 21.62
C SER B 34 -17.90 -14.51 21.60
N LEU B 35 -17.76 -15.17 20.45
CA LEU B 35 -18.18 -16.57 20.30
C LEU B 35 -16.96 -17.50 20.27
N GLY B 36 -15.79 -16.90 20.47
CA GLY B 36 -14.51 -17.63 20.44
C GLY B 36 -14.01 -18.00 19.06
N ILE B 37 -14.41 -17.24 18.04
CA ILE B 37 -14.05 -17.53 16.65
C ILE B 37 -13.19 -16.41 16.05
N ASP B 38 -12.08 -16.76 15.41
CA ASP B 38 -11.31 -15.80 14.61
C ASP B 38 -11.89 -15.72 13.19
N GLY B 39 -12.17 -14.51 12.72
CA GLY B 39 -12.77 -14.38 11.40
C GLY B 39 -11.85 -13.82 10.35
N GLY B 40 -10.78 -13.16 10.78
CA GLY B 40 -10.01 -12.32 9.88
C GLY B 40 -9.12 -13.11 8.96
N LEU B 41 -8.96 -12.62 7.73
CA LEU B 41 -8.03 -13.22 6.78
C LEU B 41 -6.77 -12.33 6.66
N PRO B 42 -5.73 -12.64 7.48
CA PRO B 42 -4.59 -11.73 7.45
C PRO B 42 -3.90 -11.72 6.09
N GLY B 43 -3.46 -10.54 5.70
CA GLY B 43 -2.69 -10.36 4.47
C GLY B 43 -3.54 -10.20 3.22
N ILE B 44 -4.86 -10.38 3.36
CA ILE B 44 -5.74 -10.18 2.20
C ILE B 44 -6.36 -8.77 2.23
N ALA B 45 -5.67 -7.86 1.54
CA ALA B 45 -5.97 -6.43 1.61
C ALA B 45 -6.90 -5.91 0.52
N SER B 46 -7.65 -4.89 0.88
CA SER B 46 -8.44 -4.15 -0.10
C SER B 46 -7.52 -3.59 -1.16
N GLN B 47 -7.82 -3.83 -2.43
CA GLN B 47 -7.01 -3.29 -3.51
C GLN B 47 -7.65 -2.08 -4.19
N VAL B 48 -8.92 -1.81 -3.86
CA VAL B 48 -9.64 -0.71 -4.48
C VAL B 48 -10.19 0.23 -3.42
N PRO B 49 -9.58 1.42 -3.27
CA PRO B 49 -9.97 2.32 -2.19
C PRO B 49 -11.46 2.62 -2.18
N GLY B 50 -12.06 2.49 -1.01
CA GLY B 50 -13.46 2.90 -0.81
C GLY B 50 -14.46 1.80 -1.11
N THR B 51 -13.98 0.59 -1.39
CA THR B 51 -14.92 -0.48 -1.71
C THR B 51 -15.21 -1.39 -0.52
N ARG B 52 -16.38 -2.04 -0.58
CA ARG B 52 -16.77 -3.04 0.41
C ARG B 52 -17.68 -4.05 -0.28
N CYS B 53 -17.76 -5.24 0.29
CA CYS B 53 -18.73 -6.24 -0.15
C CYS B 53 -19.23 -7.13 0.99
N VAL B 54 -20.49 -7.55 0.84
CA VAL B 54 -21.15 -8.53 1.69
C VAL B 54 -21.78 -9.54 0.75
N GLY B 55 -21.55 -10.82 0.99
CA GLY B 55 -22.17 -11.83 0.14
C GLY B 55 -21.77 -13.23 0.54
N ILE B 56 -22.23 -14.21 -0.24
CA ILE B 56 -22.06 -15.63 0.05
C ILE B 56 -20.85 -16.21 -0.66
N ALA B 57 -20.00 -16.90 0.09
CA ALA B 57 -18.77 -17.42 -0.45
C ALA B 57 -19.07 -18.46 -1.52
N PHE B 58 -18.50 -18.25 -2.70
CA PHE B 58 -18.40 -19.24 -3.74
C PHE B 58 -16.90 -19.50 -3.83
N THR B 59 -16.49 -20.75 -3.59
CA THR B 59 -15.07 -21.06 -3.39
C THR B 59 -14.43 -21.67 -4.64
N VAL B 60 -13.14 -21.35 -4.83
CA VAL B 60 -12.38 -21.79 -5.99
C VAL B 60 -10.97 -22.17 -5.52
N GLN B 61 -10.57 -23.41 -5.79
CA GLN B 61 -9.27 -23.90 -5.40
C GLN B 61 -8.42 -24.09 -6.65
N TYR B 62 -7.24 -23.47 -6.66
CA TYR B 62 -6.28 -23.66 -7.75
C TYR B 62 -5.17 -24.56 -7.28
N GLN B 63 -4.43 -25.11 -8.23
CA GLN B 63 -3.26 -25.93 -7.93
C GLN B 63 -2.18 -25.72 -8.98
N PRO B 64 -0.89 -25.87 -8.59
CA PRO B 64 0.19 -25.68 -9.57
C PRO B 64 0.04 -26.63 -10.76
N VAL B 65 0.53 -26.20 -11.93
CA VAL B 65 0.38 -26.96 -13.18
C VAL B 65 1.15 -28.27 -13.15
N ASN B 76 -14.53 -20.39 -18.04
CA ASN B 76 -14.17 -21.15 -16.85
C ASN B 76 -15.34 -21.33 -15.88
N TYR B 77 -15.04 -21.36 -14.59
CA TYR B 77 -16.01 -21.63 -13.53
C TYR B 77 -17.05 -20.52 -13.33
N ILE B 78 -16.75 -19.32 -13.82
CA ILE B 78 -17.51 -18.14 -13.41
C ILE B 78 -18.98 -18.18 -13.84
N ASP B 79 -19.26 -18.91 -14.92
CA ASP B 79 -20.62 -19.11 -15.42
C ASP B 79 -21.57 -19.80 -14.42
N GLN B 80 -20.98 -20.49 -13.44
CA GLN B 80 -21.72 -21.21 -12.39
C GLN B 80 -22.03 -20.37 -11.15
N VAL B 81 -21.38 -19.20 -11.04
CA VAL B 81 -21.47 -18.43 -9.80
C VAL B 81 -22.80 -17.70 -9.66
N PRO B 82 -23.56 -18.01 -8.59
CA PRO B 82 -24.83 -17.32 -8.37
C PRO B 82 -24.70 -15.81 -8.14
N SER B 83 -25.70 -15.07 -8.58
CA SER B 83 -25.85 -13.69 -8.18
C SER B 83 -25.81 -13.58 -6.65
N GLY B 84 -25.15 -12.53 -6.15
CA GLY B 84 -24.98 -12.25 -4.71
C GLY B 84 -23.78 -12.94 -4.10
N SER B 85 -23.00 -13.64 -4.92
CA SER B 85 -21.82 -14.35 -4.43
C SER B 85 -20.64 -13.39 -4.24
N VAL B 86 -19.78 -13.74 -3.29
CA VAL B 86 -18.42 -13.20 -3.19
C VAL B 86 -17.53 -14.38 -3.53
N ILE B 87 -16.78 -14.27 -4.62
CA ILE B 87 -15.85 -15.31 -5.04
C ILE B 87 -14.66 -15.27 -4.08
N VAL B 88 -14.34 -16.42 -3.50
CA VAL B 88 -13.16 -16.56 -2.64
C VAL B 88 -12.30 -17.59 -3.34
N SER B 89 -11.11 -17.16 -3.78
CA SER B 89 -10.25 -18.04 -4.60
C SER B 89 -8.96 -18.28 -3.88
N SER B 90 -8.62 -19.56 -3.69
CA SER B 90 -7.33 -19.88 -3.11
C SER B 90 -6.33 -20.30 -4.17
N ASN B 91 -5.21 -19.58 -4.18
CA ASN B 91 -4.07 -19.94 -5.02
C ASN B 91 -2.81 -20.05 -4.17
N SER B 92 -2.96 -20.62 -2.97
CA SER B 92 -1.83 -20.87 -2.04
C SER B 92 -0.96 -19.64 -1.76
N GLY B 93 -1.53 -18.45 -1.86
CA GLY B 93 -0.81 -17.21 -1.59
C GLY B 93 0.33 -16.89 -2.56
N ARG B 94 0.28 -17.49 -3.73
CA ARG B 94 1.34 -17.34 -4.75
C ARG B 94 1.43 -15.93 -5.30
N HIS B 95 2.65 -15.50 -5.59
CA HIS B 95 2.89 -14.17 -6.13
C HIS B 95 3.36 -14.18 -7.57
N ASP B 96 3.51 -15.36 -8.17
CA ASP B 96 4.08 -15.47 -9.52
C ASP B 96 3.01 -15.52 -10.59
N CYS B 97 1.75 -15.51 -10.19
CA CYS B 97 0.65 -15.57 -11.15
C CYS B 97 -0.65 -15.07 -10.53
N THR B 98 -1.59 -14.71 -11.40
CA THR B 98 -2.81 -14.11 -10.95
C THR B 98 -4.02 -14.96 -11.32
N VAL B 99 -5.09 -14.83 -10.52
CA VAL B 99 -6.31 -15.59 -10.73
C VAL B 99 -7.57 -14.70 -10.79
N TRP B 100 -7.37 -13.44 -11.18
CA TRP B 100 -8.48 -12.51 -11.42
C TRP B 100 -7.98 -11.38 -12.30
N GLY B 101 -8.74 -11.04 -13.34
CA GLY B 101 -8.37 -9.92 -14.22
C GLY B 101 -9.57 -9.20 -14.80
N ASP B 102 -9.33 -8.51 -15.90
CA ASP B 102 -10.36 -7.70 -16.56
C ASP B 102 -11.61 -8.46 -17.02
N ILE B 103 -11.43 -9.59 -17.70
CA ILE B 103 -12.56 -10.37 -18.21
C ILE B 103 -13.48 -10.79 -17.06
N MSE B 104 -12.89 -11.35 -16.01
CA MSE B 104 -13.66 -11.74 -14.82
C MSE B 104 -14.32 -10.54 -14.10
O MSE B 104 -15.46 -10.66 -13.62
CB MSE B 104 -12.83 -12.59 -13.87
CG MSE B 104 -12.37 -13.89 -14.50
SE MSE B 104 -11.09 -14.78 -13.35
CE MSE B 104 -9.72 -15.25 -14.63
N THR B 105 -13.65 -9.38 -14.06
CA THR B 105 -14.23 -8.19 -13.45
C THR B 105 -15.49 -7.76 -14.18
N HIS B 106 -15.38 -7.64 -15.50
CA HIS B 106 -16.52 -7.29 -16.34
C HIS B 106 -17.64 -8.32 -16.23
N PHE B 107 -17.29 -9.62 -16.16
CA PHE B 107 -18.32 -10.65 -15.95
C PHE B 107 -19.03 -10.47 -14.60
N ALA B 108 -18.26 -10.25 -13.55
CA ALA B 108 -18.82 -10.11 -12.22
C ALA B 108 -19.82 -8.98 -12.18
N LEU B 109 -19.45 -7.84 -12.77
CA LEU B 109 -20.30 -6.66 -12.76
C LEU B 109 -21.60 -6.82 -13.54
N ALA B 110 -21.58 -7.66 -14.58
CA ALA B 110 -22.78 -7.91 -15.39
C ALA B 110 -23.67 -9.05 -14.84
N ASN B 111 -23.19 -9.77 -13.84
CA ASN B 111 -23.89 -10.94 -13.31
C ASN B 111 -24.15 -10.95 -11.79
N GLY B 112 -24.17 -9.75 -11.19
CA GLY B 112 -24.51 -9.60 -9.77
C GLY B 112 -23.51 -10.18 -8.76
N ILE B 113 -22.26 -10.38 -9.18
CA ILE B 113 -21.24 -10.92 -8.30
C ILE B 113 -20.65 -9.71 -7.55
N LYS B 114 -20.57 -9.83 -6.22
CA LYS B 114 -20.40 -8.69 -5.32
C LYS B 114 -18.96 -8.32 -5.03
N GLY B 115 -18.07 -9.28 -5.17
CA GLY B 115 -16.65 -9.01 -4.90
C GLY B 115 -15.84 -10.25 -5.02
N THR B 116 -14.52 -10.10 -4.97
CA THR B 116 -13.62 -11.24 -5.05
C THR B 116 -12.54 -11.10 -4.00
N VAL B 117 -12.25 -12.23 -3.35
CA VAL B 117 -11.28 -12.32 -2.27
C VAL B 117 -10.27 -13.38 -2.70
N ILE B 118 -8.98 -13.02 -2.75
CA ILE B 118 -7.97 -13.94 -3.30
C ILE B 118 -6.83 -14.19 -2.31
N ASP B 119 -6.58 -15.47 -2.02
CA ASP B 119 -5.35 -15.91 -1.36
C ASP B 119 -4.31 -16.08 -2.46
N GLY B 120 -3.73 -14.95 -2.85
CA GLY B 120 -2.88 -14.85 -4.02
C GLY B 120 -3.03 -13.42 -4.52
N VAL B 121 -2.69 -13.20 -5.79
CA VAL B 121 -2.71 -11.85 -6.36
C VAL B 121 -3.61 -11.75 -7.59
N ALA B 122 -3.95 -10.50 -7.96
CA ALA B 122 -4.81 -10.20 -9.10
C ALA B 122 -4.13 -9.26 -10.10
N ARG B 123 -4.64 -9.27 -11.33
CA ARG B 123 -4.16 -8.38 -12.37
C ARG B 123 -5.25 -7.41 -12.84
N ASP B 124 -4.88 -6.59 -13.83
CA ASP B 124 -5.76 -5.55 -14.40
C ASP B 124 -6.34 -4.67 -13.31
N ILE B 125 -5.46 -4.26 -12.42
CA ILE B 125 -5.81 -3.46 -11.25
C ILE B 125 -6.45 -2.14 -11.70
N ASP B 126 -5.94 -1.55 -12.77
CA ASP B 126 -6.51 -0.30 -13.30
C ASP B 126 -7.99 -0.45 -13.70
N THR B 127 -8.33 -1.60 -14.27
CA THR B 127 -9.72 -1.89 -14.68
C THR B 127 -10.60 -2.06 -13.44
N VAL B 128 -10.09 -2.82 -12.47
CA VAL B 128 -10.82 -3.09 -11.24
C VAL B 128 -11.14 -1.78 -10.53
N ILE B 129 -10.14 -0.89 -10.44
CA ILE B 129 -10.35 0.44 -9.83
C ILE B 129 -11.39 1.25 -10.62
N ASN B 130 -11.24 1.31 -11.94
CA ASN B 130 -12.20 2.10 -12.71
CA ASN B 130 -12.18 2.04 -12.81
C ASN B 130 -13.62 1.54 -12.67
N CYS B 131 -13.76 0.23 -12.45
CA CYS B 131 -15.06 -0.41 -12.30
C CYS B 131 -15.63 -0.31 -10.87
N ASN B 132 -14.82 0.22 -9.96
CA ASN B 132 -15.14 0.25 -8.53
C ASN B 132 -15.52 -1.13 -8.01
N TYR B 133 -14.76 -2.14 -8.44
CA TYR B 133 -15.08 -3.52 -8.08
C TYR B 133 -14.39 -3.94 -6.78
N PRO B 134 -15.16 -4.48 -5.81
CA PRO B 134 -14.53 -4.88 -4.53
C PRO B 134 -13.60 -6.07 -4.64
N LEU B 135 -12.32 -5.77 -4.83
CA LEU B 135 -11.26 -6.79 -4.96
C LEU B 135 -10.34 -6.76 -3.76
N PHE B 136 -10.09 -7.93 -3.21
CA PHE B 136 -9.26 -8.07 -2.03
C PHE B 136 -8.26 -9.18 -2.32
N SER B 137 -6.97 -8.88 -2.11
CA SER B 137 -5.92 -9.82 -2.48
C SER B 137 -4.62 -9.55 -1.72
N ARG B 138 -3.66 -10.44 -1.85
CA ARG B 138 -2.31 -10.25 -1.26
C ARG B 138 -1.45 -9.27 -2.05
N GLY B 139 -1.99 -8.78 -3.16
CA GLY B 139 -1.28 -7.78 -3.96
C GLY B 139 -1.67 -7.82 -5.41
N ARG B 140 -0.82 -7.19 -6.20
CA ARG B 140 -1.09 -6.87 -7.58
C ARG B 140 0.06 -7.35 -8.45
N PHE B 141 -0.28 -7.98 -9.56
CA PHE B 141 0.73 -8.50 -10.48
C PHE B 141 0.10 -8.62 -11.86
N MSE B 142 0.82 -9.15 -12.85
CA MSE B 142 0.23 -9.24 -14.20
C MSE B 142 0.43 -10.57 -14.93
O MSE B 142 -0.13 -10.74 -16.00
CB MSE B 142 0.70 -8.10 -15.11
CG MSE B 142 2.04 -8.31 -15.80
SE MSE B 142 3.52 -8.71 -14.58
CE MSE B 142 3.59 -6.95 -13.71
N GLN B 143 1.20 -11.49 -14.37
CA GLN B 143 1.44 -12.76 -15.07
C GLN B 143 0.21 -13.64 -14.96
N SER B 144 -0.16 -14.21 -16.08
CA SER B 144 -1.37 -15.00 -16.20
C SER B 144 -1.25 -16.34 -15.48
N ALA B 145 -2.39 -16.86 -15.05
CA ALA B 145 -2.49 -18.23 -14.48
C ALA B 145 -2.05 -19.30 -15.49
N LYS B 146 -2.20 -18.98 -16.78
CA LYS B 146 -2.03 -19.96 -17.83
C LYS B 146 -0.62 -20.54 -17.80
N ASN B 147 -0.57 -21.87 -17.79
CA ASN B 147 0.67 -22.63 -17.62
C ASN B 147 1.44 -22.35 -16.34
N ARG B 148 0.74 -21.80 -15.34
CA ARG B 148 1.33 -21.55 -14.03
C ARG B 148 0.52 -22.17 -12.89
N THR B 149 -0.79 -21.94 -12.93
CA THR B 149 -1.73 -22.53 -12.00
C THR B 149 -3.00 -22.91 -12.74
N GLN B 150 -3.67 -23.97 -12.26
CA GLN B 150 -4.89 -24.46 -12.89
C GLN B 150 -6.01 -24.65 -11.88
N LEU B 151 -7.23 -24.43 -12.34
CA LEU B 151 -8.42 -24.66 -11.53
C LEU B 151 -8.47 -26.13 -11.15
N LYS B 152 -8.66 -26.44 -9.88
CA LYS B 152 -8.81 -27.84 -9.45
C LYS B 152 -10.28 -28.20 -9.16
N ALA B 153 -10.94 -27.38 -8.35
CA ALA B 153 -12.31 -27.63 -7.90
C ALA B 153 -12.97 -26.30 -7.55
N VAL B 154 -14.31 -26.30 -7.58
CA VAL B 154 -15.11 -25.20 -7.05
C VAL B 154 -16.04 -25.73 -5.97
N GLN B 155 -16.46 -24.85 -5.08
CA GLN B 155 -17.45 -25.18 -4.05
C GLN B 155 -16.96 -26.32 -3.17
N VAL B 156 -15.71 -26.19 -2.75
CA VAL B 156 -15.04 -27.08 -1.80
C VAL B 156 -14.57 -26.19 -0.64
N PRO B 157 -14.31 -26.79 0.54
CA PRO B 157 -13.86 -25.90 1.61
C PRO B 157 -12.45 -25.42 1.32
N LEU B 158 -12.16 -24.15 1.63
CA LEU B 158 -10.81 -23.61 1.52
C LEU B 158 -10.21 -23.35 2.88
N VAL B 159 -8.88 -23.41 2.94
CA VAL B 159 -8.14 -22.93 4.11
C VAL B 159 -7.24 -21.76 3.72
N ILE B 160 -7.45 -20.62 4.36
CA ILE B 160 -6.60 -19.44 4.16
C ILE B 160 -6.10 -18.97 5.52
N ASP B 161 -4.77 -18.94 5.70
CA ASP B 161 -4.16 -18.58 7.00
C ASP B 161 -4.77 -19.36 8.17
N GLY B 162 -5.00 -20.66 7.97
CA GLY B 162 -5.63 -21.48 9.01
C GLY B 162 -7.13 -21.33 9.16
N ILE B 163 -7.69 -20.23 8.61
CA ILE B 163 -9.13 -19.98 8.62
C ILE B 163 -9.85 -20.80 7.54
N THR B 164 -10.84 -21.61 7.93
CA THR B 164 -11.61 -22.38 6.98
C THR B 164 -12.72 -21.51 6.35
N ILE B 165 -12.94 -21.71 5.05
CA ILE B 165 -14.06 -21.08 4.33
C ILE B 165 -14.88 -22.16 3.64
N GLN B 166 -16.14 -22.29 4.04
CA GLN B 166 -17.07 -23.19 3.38
C GLN B 166 -17.91 -22.43 2.34
N PRO B 167 -18.24 -23.10 1.21
CA PRO B 167 -19.21 -22.49 0.29
C PRO B 167 -20.46 -22.16 1.10
N GLY B 168 -20.98 -20.94 0.93
CA GLY B 168 -22.14 -20.53 1.70
C GLY B 168 -21.86 -19.61 2.88
N ASP B 169 -20.59 -19.50 3.28
CA ASP B 169 -20.23 -18.66 4.42
C ASP B 169 -20.46 -17.21 4.05
N LEU B 170 -20.73 -16.39 5.04
CA LEU B 170 -20.97 -14.97 4.83
C LEU B 170 -19.65 -14.24 4.83
N MSE B 171 -19.33 -13.56 3.71
CA MSE B 171 -18.10 -12.80 3.58
C MSE B 171 -18.41 -11.33 3.75
O MSE B 171 -19.35 -10.82 3.15
CB MSE B 171 -17.48 -13.01 2.19
CG MSE B 171 -17.24 -14.48 1.85
SE MSE B 171 -15.95 -15.31 3.07
CE MSE B 171 -14.45 -14.06 2.80
N VAL B 172 -17.63 -10.64 4.58
CA VAL B 172 -17.76 -9.20 4.73
C VAL B 172 -16.38 -8.59 4.60
N CYS B 173 -16.21 -7.69 3.64
CA CYS B 173 -14.89 -7.18 3.29
C CYS B 173 -14.96 -5.66 3.14
N ASP B 174 -13.97 -4.98 3.68
CA ASP B 174 -13.89 -3.52 3.49
C ASP B 174 -12.42 -3.08 3.53
N GLY B 175 -12.21 -1.78 3.69
CA GLY B 175 -10.86 -1.23 3.78
C GLY B 175 -9.93 -1.86 4.80
N SER B 176 -10.49 -2.45 5.87
CA SER B 176 -9.67 -3.08 6.88
C SER B 176 -9.34 -4.55 6.58
N GLY B 177 -9.90 -5.11 5.49
CA GLY B 177 -9.69 -6.52 5.15
C GLY B 177 -10.98 -7.32 5.05
N CYS B 178 -10.84 -8.64 5.22
CA CYS B 178 -11.89 -9.60 4.97
C CYS B 178 -12.15 -10.49 6.17
N VAL B 179 -13.42 -10.69 6.45
CA VAL B 179 -13.89 -11.52 7.54
C VAL B 179 -14.79 -12.61 7.03
N VAL B 180 -14.57 -13.83 7.55
CA VAL B 180 -15.40 -15.01 7.24
C VAL B 180 -16.33 -15.30 8.41
N VAL B 181 -17.63 -15.30 8.14
CA VAL B 181 -18.64 -15.60 9.16
C VAL B 181 -19.25 -16.95 8.81
N PRO B 182 -19.07 -17.95 9.69
CA PRO B 182 -19.64 -19.28 9.40
C PRO B 182 -21.15 -19.20 9.20
N GLN B 183 -21.63 -19.80 8.12
CA GLN B 183 -23.04 -19.69 7.76
C GLN B 183 -23.99 -20.16 8.87
N GLN B 184 -23.63 -21.25 9.57
CA GLN B 184 -24.47 -21.82 10.62
C GLN B 184 -24.69 -20.87 11.78
N LEU B 185 -23.79 -19.91 11.96
CA LEU B 185 -23.86 -18.96 13.07
C LEU B 185 -24.17 -17.51 12.61
N ALA B 186 -24.46 -17.33 11.34
CA ALA B 186 -24.52 -15.96 10.79
C ALA B 186 -25.51 -15.06 11.53
N ALA B 187 -26.70 -15.55 11.88
CA ALA B 187 -27.71 -14.70 12.53
C ALA B 187 -27.21 -14.16 13.86
N GLU B 188 -26.66 -15.06 14.70
CA GLU B 188 -26.11 -14.67 16.00
C GLU B 188 -24.96 -13.69 15.88
N VAL B 189 -24.06 -13.95 14.94
CA VAL B 189 -22.91 -13.05 14.73
C VAL B 189 -23.40 -11.67 14.33
N VAL B 190 -24.31 -11.61 13.36
CA VAL B 190 -24.80 -10.33 12.86
C VAL B 190 -25.52 -9.55 13.95
N LEU B 191 -26.35 -10.24 14.72
CA LEU B 191 -27.06 -9.66 15.85
C LEU B 191 -26.11 -9.06 16.89
N ARG B 192 -25.08 -9.82 17.27
CA ARG B 192 -24.05 -9.35 18.18
C ARG B 192 -23.30 -8.17 17.59
N ALA B 193 -22.98 -8.27 16.30
CA ALA B 193 -22.26 -7.21 15.60
C ALA B 193 -23.09 -5.93 15.59
N ARG B 194 -24.42 -6.04 15.46
CA ARG B 194 -25.26 -4.85 15.49
C ARG B 194 -25.24 -4.15 16.84
N ALA B 195 -25.18 -4.96 17.89
CA ALA B 195 -25.04 -4.51 19.28
C ALA B 195 -23.71 -3.78 19.48
N VAL B 196 -22.61 -4.39 19.04
CA VAL B 196 -21.30 -3.73 19.10
C VAL B 196 -21.37 -2.36 18.38
N GLU B 197 -21.93 -2.33 17.17
CA GLU B 197 -22.02 -1.10 16.40
C GLU B 197 -22.91 -0.02 17.02
N GLN B 198 -24.08 -0.43 17.51
CA GLN B 198 -24.99 0.50 18.18
C GLN B 198 -24.35 1.12 19.41
N THR B 199 -23.66 0.29 20.22
CA THR B 199 -22.94 0.78 21.39
C THR B 199 -21.84 1.81 21.04
N GLU B 200 -21.04 1.49 20.02
CA GLU B 200 -19.97 2.41 19.57
C GLU B 200 -20.52 3.71 19.02
N ARG B 201 -21.63 3.64 18.27
CA ARG B 201 -22.26 4.87 17.75
C ARG B 201 -22.57 5.83 18.90
N ARG B 202 -23.11 5.29 20.00
CA ARG B 202 -23.43 6.10 21.17
C ARG B 202 -22.16 6.67 21.84
N ILE B 203 -21.10 5.87 21.91
CA ILE B 203 -19.83 6.34 22.48
C ILE B 203 -19.24 7.48 21.64
N ILE B 204 -19.23 7.30 20.32
CA ILE B 204 -18.72 8.28 19.38
C ILE B 204 -19.52 9.57 19.47
N GLU B 205 -20.86 9.44 19.51
CA GLU B 205 -21.71 10.60 19.69
C GLU B 205 -21.31 11.45 20.89
N ALA B 206 -21.10 10.80 22.04
CA ALA B 206 -20.71 11.46 23.29
C ALA B 206 -19.33 12.10 23.19
N ILE B 207 -18.41 11.41 22.53
CA ILE B 207 -17.05 11.94 22.33
C ILE B 207 -17.09 13.24 21.52
N SER B 208 -17.97 13.28 20.51
CA SER B 208 -18.09 14.47 19.65
C SER B 208 -18.63 15.69 20.38
N SER B 209 -19.44 15.46 21.41
CA SER B 209 -19.94 16.55 22.24
C SER B 209 -18.94 16.91 23.36
N GLY B 210 -17.80 16.24 23.38
CA GLY B 210 -16.72 16.57 24.30
C GLY B 210 -16.55 15.72 25.55
N SER B 211 -17.30 14.63 25.65
CA SER B 211 -17.17 13.68 26.74
C SER B 211 -15.78 13.04 26.72
N THR B 212 -15.22 12.76 27.90
CA THR B 212 -14.02 11.94 27.98
C THR B 212 -14.40 10.54 27.53
N LEU B 213 -13.41 9.74 27.15
CA LEU B 213 -13.72 8.38 26.74
C LEU B 213 -14.30 7.61 27.92
N GLU B 214 -13.78 7.85 29.12
CA GLU B 214 -14.30 7.18 30.30
C GLU B 214 -15.77 7.51 30.54
N GLN B 215 -16.12 8.79 30.44
CA GLN B 215 -17.52 9.24 30.60
C GLN B 215 -18.41 8.53 29.58
N ALA B 216 -17.94 8.47 28.34
CA ALA B 216 -18.70 7.90 27.25
C ALA B 216 -18.95 6.40 27.44
N ARG B 217 -17.97 5.68 27.98
CA ARG B 217 -18.11 4.24 28.23
C ARG B 217 -18.95 3.89 29.47
N MSE B 218 -19.24 4.89 30.31
CA MSE B 218 -20.09 4.69 31.49
C MSE B 218 -21.54 4.50 31.09
O MSE B 218 -22.10 5.31 30.33
CB MSE B 218 -19.99 5.89 32.47
CG MSE B 218 -18.62 6.13 33.14
SE MSE B 218 -18.00 4.81 34.47
CE MSE B 218 -19.69 4.42 35.38
N SER C 2 20.99 8.19 21.96
CA SER C 2 21.34 9.10 23.10
C SER C 2 22.40 10.10 22.66
N LEU C 3 22.69 11.06 23.53
CA LEU C 3 23.57 12.18 23.21
C LEU C 3 24.73 12.35 24.20
N SER C 4 25.59 13.32 23.91
CA SER C 4 26.75 13.65 24.75
C SER C 4 26.34 14.25 26.09
N VAL C 5 25.11 14.76 26.16
CA VAL C 5 24.52 15.24 27.41
C VAL C 5 23.42 14.27 27.87
N PRO C 6 23.17 14.18 29.20
CA PRO C 6 22.12 13.28 29.69
C PRO C 6 20.77 13.63 29.10
N PHE C 7 19.89 12.64 29.00
CA PHE C 7 18.55 12.94 28.51
C PHE C 7 17.81 13.88 29.45
N GLU C 8 17.11 14.83 28.86
CA GLU C 8 16.29 15.75 29.63
C GLU C 8 15.04 16.06 28.83
N TYR C 9 13.86 15.94 29.47
CA TYR C 9 12.63 16.40 28.84
C TYR C 9 12.79 17.87 28.48
N THR C 10 12.57 18.16 27.21
CA THR C 10 12.81 19.48 26.65
C THR C 10 11.57 19.98 25.94
N PRO C 11 10.95 21.06 26.46
CA PRO C 11 9.85 21.68 25.75
C PRO C 11 10.32 22.25 24.43
N ILE C 12 9.43 22.21 23.44
CA ILE C 12 9.73 22.66 22.09
C ILE C 12 8.80 23.82 21.80
N ALA C 13 9.36 24.93 21.35
CA ALA C 13 8.60 26.18 21.15
C ALA C 13 7.59 26.02 20.03
N GLN C 14 6.43 26.68 20.18
CA GLN C 14 5.36 26.54 19.20
C GLN C 14 5.87 26.93 17.81
N SER C 15 6.78 27.90 17.77
CA SER C 15 7.35 28.44 16.52
C SER C 15 8.09 27.37 15.72
N VAL C 16 8.80 26.49 16.44
CA VAL C 16 9.54 25.37 15.84
C VAL C 16 8.55 24.38 15.22
N LEU C 17 7.46 24.11 15.95
CA LEU C 17 6.39 23.26 15.42
C LEU C 17 5.71 23.90 14.20
N ASP C 18 5.50 25.21 14.24
CA ASP C 18 4.85 25.89 13.13
C ASP C 18 5.68 25.79 11.85
N GLU C 19 6.98 25.98 11.99
CA GLU C 19 7.92 25.84 10.88
C GLU C 19 7.83 24.51 10.16
N CYS C 20 7.58 23.43 10.93
CA CYS C 20 7.46 22.06 10.38
C CYS C 20 6.25 21.83 9.47
N GLU C 21 5.32 22.78 9.47
CA GLU C 21 4.22 22.82 8.49
C GLU C 21 4.72 22.84 7.06
N HIS C 22 5.91 23.38 6.85
CA HIS C 22 6.47 23.53 5.50
C HIS C 22 7.75 22.70 5.31
N LEU C 23 7.94 21.70 6.17
CA LEU C 23 9.09 20.82 6.06
C LEU C 23 8.65 19.39 5.78
N ASP C 24 9.34 18.75 4.85
CA ASP C 24 9.11 17.36 4.46
C ASP C 24 9.94 16.45 5.34
N THR C 25 9.49 15.21 5.50
CA THR C 25 10.29 14.21 6.21
C THR C 25 11.71 14.08 5.67
N ALA C 26 11.88 14.22 4.34
CA ALA C 26 13.24 14.15 3.76
C ALA C 26 14.17 15.24 4.29
N SER C 27 13.70 16.49 4.39
CA SER C 27 14.55 17.57 4.88
C SER C 27 14.97 17.30 6.32
N LEU C 28 14.00 16.85 7.14
CA LEU C 28 14.25 16.61 8.54
C LEU C 28 15.21 15.45 8.73
N SER C 29 15.03 14.43 7.91
CA SER C 29 15.94 13.27 7.93
C SER C 29 17.37 13.65 7.51
N ASP C 30 17.51 14.45 6.46
CA ASP C 30 18.86 14.93 6.02
C ASP C 30 19.52 15.77 7.13
N ALA C 31 18.71 16.57 7.84
CA ALA C 31 19.21 17.37 8.96
C ALA C 31 19.70 16.49 10.10
N LEU C 32 18.89 15.51 10.46
CA LEU C 32 19.30 14.55 11.47
C LEU C 32 20.59 13.84 11.06
N ASP C 33 20.68 13.44 9.79
CA ASP C 33 21.86 12.71 9.32
C ASP C 33 23.11 13.56 9.51
N SER C 34 22.98 14.88 9.31
CA SER C 34 24.09 15.81 9.50
C SER C 34 24.52 15.92 10.95
N LEU C 35 23.68 15.41 11.85
CA LEU C 35 23.99 15.34 13.27
C LEU C 35 24.35 13.90 13.70
N GLY C 36 24.35 12.98 12.75
CA GLY C 36 24.83 11.60 13.01
C GLY C 36 23.75 10.67 13.50
N ILE C 37 22.49 11.02 13.25
CA ILE C 37 21.35 10.34 13.88
C ILE C 37 20.36 9.90 12.80
N ASP C 38 19.95 8.64 12.86
CA ASP C 38 18.89 8.11 12.00
C ASP C 38 17.59 8.44 12.64
N GLY C 39 16.61 8.88 11.83
CA GLY C 39 15.31 9.20 12.40
C GLY C 39 14.14 8.46 11.79
N GLY C 40 14.34 7.79 10.67
CA GLY C 40 13.21 7.14 9.97
C GLY C 40 12.74 5.85 10.59
N LEU C 41 11.42 5.64 10.56
CA LEU C 41 10.82 4.40 11.06
C LEU C 41 10.44 3.52 9.86
N PRO C 42 11.35 2.60 9.45
CA PRO C 42 11.05 1.93 8.16
C PRO C 42 9.85 1.00 8.30
N GLY C 43 9.03 0.92 7.27
CA GLY C 43 7.87 0.06 7.32
C GLY C 43 6.63 0.66 7.92
N ILE C 44 6.74 1.84 8.55
CA ILE C 44 5.55 2.51 9.11
C ILE C 44 4.98 3.50 8.08
N ALA C 45 4.00 3.04 7.32
CA ALA C 45 3.55 3.69 6.12
C ALA C 45 2.36 4.61 6.35
N SER C 46 2.32 5.71 5.61
CA SER C 46 1.09 6.48 5.53
C SER C 46 -0.07 5.60 5.02
N GLN C 47 -1.18 5.59 5.79
CA GLN C 47 -2.38 4.85 5.42
C GLN C 47 -3.49 5.71 4.84
N VAL C 48 -3.34 7.03 4.91
CA VAL C 48 -4.38 7.90 4.40
C VAL C 48 -3.72 8.83 3.40
N PRO C 49 -4.02 8.67 2.10
CA PRO C 49 -3.38 9.52 1.10
C PRO C 49 -3.57 11.04 1.34
N GLY C 50 -2.49 11.79 1.15
CA GLY C 50 -2.53 13.25 1.28
C GLY C 50 -2.48 13.84 2.68
N THR C 51 -2.24 12.98 3.67
CA THR C 51 -2.16 13.47 5.05
C THR C 51 -0.72 13.65 5.54
N ARG C 52 -0.58 14.43 6.60
CA ARG C 52 0.71 14.63 7.27
C ARG C 52 0.43 15.10 8.68
N CYS C 53 1.40 14.97 9.56
CA CYS C 53 1.26 15.54 10.90
C CYS C 53 2.59 15.93 11.48
N VAL C 54 2.50 16.91 12.36
CA VAL C 54 3.60 17.37 13.18
C VAL C 54 3.10 17.46 14.61
N GLY C 55 3.84 16.88 15.54
CA GLY C 55 3.44 17.07 16.96
C GLY C 55 4.39 16.35 17.90
N ILE C 56 4.04 16.35 19.18
CA ILE C 56 4.91 15.86 20.23
C ILE C 56 4.55 14.43 20.54
N ALA C 57 5.54 13.55 20.57
CA ALA C 57 5.29 12.14 20.80
C ALA C 57 4.67 11.92 22.17
N PHE C 58 3.58 11.16 22.21
CA PHE C 58 3.03 10.62 23.42
C PHE C 58 3.09 9.11 23.18
N THR C 59 3.89 8.43 23.99
CA THR C 59 4.23 7.03 23.69
C THR C 59 3.31 6.04 24.39
N VAL C 60 3.06 4.92 23.72
CA VAL C 60 2.19 3.88 24.26
C VAL C 60 2.90 2.57 23.97
N GLN C 61 3.11 1.75 25.02
CA GLN C 61 3.77 0.44 24.89
C GLN C 61 2.81 -0.68 25.29
N TYR C 62 2.65 -1.68 24.41
CA TYR C 62 1.79 -2.86 24.65
C TYR C 62 2.66 -4.04 25.06
N GLN C 63 2.01 -5.08 25.56
CA GLN C 63 2.69 -6.30 26.03
C GLN C 63 1.74 -7.48 25.89
N PRO C 64 2.24 -8.70 26.04
CA PRO C 64 1.29 -9.82 26.00
C PRO C 64 0.19 -9.72 27.05
N VAL C 65 -0.97 -10.29 26.72
CA VAL C 65 -2.05 -10.42 27.66
C VAL C 65 -1.61 -11.19 28.90
N ASP C 66 -2.00 -10.63 30.04
CA ASP C 66 -1.85 -11.34 31.29
C ASP C 66 -3.13 -11.12 32.10
N ALA C 67 -3.30 -9.93 32.68
CA ALA C 67 -4.45 -9.61 33.53
C ALA C 67 -4.57 -10.48 34.78
N SER C 68 -4.36 -11.80 34.61
CA SER C 68 -4.64 -12.80 35.64
C SER C 68 -6.15 -12.81 35.96
N ALA C 75 -7.65 1.45 24.63
CA ALA C 75 -7.99 2.81 24.22
C ALA C 75 -8.01 3.78 25.41
N ASN C 76 -8.37 3.26 26.59
CA ASN C 76 -8.50 4.04 27.84
C ASN C 76 -7.45 5.14 28.11
N TYR C 77 -6.19 4.90 27.73
CA TYR C 77 -5.12 5.88 27.94
C TYR C 77 -5.36 7.20 27.23
N ILE C 78 -6.25 7.20 26.24
CA ILE C 78 -6.33 8.34 25.33
C ILE C 78 -6.82 9.60 26.03
N ASP C 79 -7.61 9.45 27.10
CA ASP C 79 -8.01 10.63 27.90
C ASP C 79 -6.83 11.44 28.47
N GLN C 80 -5.66 10.81 28.54
CA GLN C 80 -4.46 11.41 29.11
C GLN C 80 -3.64 12.24 28.11
N VAL C 81 -3.92 12.08 26.81
CA VAL C 81 -3.06 12.59 25.75
C VAL C 81 -3.31 14.10 25.54
N PRO C 82 -2.27 14.93 25.68
CA PRO C 82 -2.43 16.37 25.52
C PRO C 82 -2.72 16.77 24.07
N SER C 83 -3.46 17.86 23.93
CA SER C 83 -3.60 18.52 22.64
C SER C 83 -2.23 18.82 22.01
N GLY C 84 -2.07 18.48 20.72
CA GLY C 84 -0.84 18.76 19.98
C GLY C 84 0.06 17.54 19.93
N SER C 85 -0.42 16.46 20.54
CA SER C 85 0.36 15.20 20.54
C SER C 85 0.24 14.46 19.24
N VAL C 86 1.30 13.73 18.89
CA VAL C 86 1.21 12.61 17.94
C VAL C 86 1.39 11.34 18.78
N ILE C 87 0.43 10.41 18.74
CA ILE C 87 0.47 9.21 19.56
C ILE C 87 1.38 8.23 18.82
N VAL C 88 2.33 7.63 19.53
CA VAL C 88 3.26 6.68 18.90
C VAL C 88 3.09 5.42 19.69
N SER C 89 2.55 4.38 19.04
CA SER C 89 2.11 3.16 19.70
C SER C 89 2.94 2.01 19.23
N SER C 90 3.45 1.26 20.18
CA SER C 90 4.32 0.11 19.83
C SER C 90 3.72 -1.19 20.34
N ASN C 91 3.47 -2.10 19.39
CA ASN C 91 2.84 -3.38 19.68
C ASN C 91 3.65 -4.51 19.03
N SER C 92 4.98 -4.39 19.13
CA SER C 92 5.90 -5.43 18.66
C SER C 92 5.74 -5.75 17.17
N GLY C 93 5.32 -4.76 16.40
CA GLY C 93 5.11 -4.94 14.96
C GLY C 93 4.07 -5.96 14.59
N ARG C 94 3.18 -6.28 15.53
CA ARG C 94 2.17 -7.32 15.32
C ARG C 94 1.14 -6.99 14.24
N HIS C 95 0.82 -7.98 13.43
CA HIS C 95 -0.16 -7.85 12.36
C HIS C 95 -1.48 -8.56 12.70
N ASP C 96 -1.53 -9.26 13.84
CA ASP C 96 -2.69 -10.10 14.18
C ASP C 96 -3.74 -9.44 15.08
N CYS C 97 -3.45 -8.22 15.51
CA CYS C 97 -4.42 -7.43 16.27
C CYS C 97 -4.13 -5.96 16.04
N THR C 98 -5.13 -5.13 16.27
CA THR C 98 -5.02 -3.69 15.99
C THR C 98 -5.06 -2.87 17.29
N VAL C 99 -4.41 -1.71 17.26
CA VAL C 99 -4.33 -0.85 18.42
C VAL C 99 -4.78 0.56 18.08
N TRP C 100 -5.65 0.68 17.09
CA TRP C 100 -6.29 1.99 16.74
C TRP C 100 -7.53 1.69 15.91
N GLY C 101 -8.62 2.42 16.16
CA GLY C 101 -9.83 2.22 15.35
C GLY C 101 -10.71 3.45 15.41
N ASP C 102 -11.99 3.28 15.14
CA ASP C 102 -12.91 4.41 14.95
C ASP C 102 -13.10 5.29 16.17
N ILE C 103 -13.34 4.67 17.33
CA ILE C 103 -13.53 5.41 18.58
C ILE C 103 -12.35 6.34 18.85
N MSE C 104 -11.14 5.77 18.77
CA MSE C 104 -9.93 6.52 19.04
C MSE C 104 -9.74 7.63 17.99
O MSE C 104 -9.33 8.74 18.34
CB MSE C 104 -8.73 5.59 19.13
CG MSE C 104 -8.92 4.62 20.27
SE MSE C 104 -7.73 3.11 20.22
CE MSE C 104 -6.33 4.00 21.10
N THR C 105 -10.05 7.33 16.73
CA THR C 105 -9.99 8.32 15.66
C THR C 105 -10.94 9.50 15.92
N HIS C 106 -12.20 9.20 16.22
CA HIS C 106 -13.13 10.27 16.58
C HIS C 106 -12.67 11.03 17.80
N PHE C 107 -12.15 10.31 18.79
CA PHE C 107 -11.63 10.99 19.98
C PHE C 107 -10.49 11.96 19.62
N ALA C 108 -9.53 11.46 18.84
CA ALA C 108 -8.38 12.27 18.41
C ALA C 108 -8.85 13.59 17.76
N LEU C 109 -9.81 13.45 16.85
CA LEU C 109 -10.34 14.62 16.12
C LEU C 109 -11.06 15.61 17.01
N ALA C 110 -11.58 15.13 18.13
CA ALA C 110 -12.31 16.01 19.05
C ALA C 110 -11.40 16.61 20.15
N ASN C 111 -10.18 16.08 20.26
CA ASN C 111 -9.29 16.43 21.38
C ASN C 111 -7.88 16.92 21.00
N GLY C 112 -7.73 17.40 19.78
CA GLY C 112 -6.53 18.10 19.36
C GLY C 112 -5.35 17.18 19.15
N ILE C 113 -5.59 15.88 19.01
CA ILE C 113 -4.53 14.92 18.72
C ILE C 113 -4.23 14.84 17.22
N LYS C 114 -2.95 14.99 16.85
CA LYS C 114 -2.57 15.34 15.46
C LYS C 114 -2.42 14.16 14.51
N GLY C 115 -2.10 13.00 15.08
CA GLY C 115 -1.89 11.81 14.27
C GLY C 115 -1.48 10.64 15.14
N THR C 116 -1.41 9.48 14.53
CA THR C 116 -1.06 8.26 15.23
C THR C 116 -0.08 7.48 14.37
N VAL C 117 1.02 7.07 15.00
CA VAL C 117 2.08 6.31 14.36
C VAL C 117 2.08 4.95 15.06
N ILE C 118 2.03 3.84 14.30
CA ILE C 118 1.90 2.51 14.90
C ILE C 118 2.92 1.51 14.42
N ASP C 119 3.67 0.97 15.39
CA ASP C 119 4.56 -0.17 15.17
C ASP C 119 3.64 -1.38 15.37
N GLY C 120 2.87 -1.69 14.33
CA GLY C 120 1.71 -2.55 14.44
C GLY C 120 0.69 -2.12 13.40
N VAL C 121 -0.54 -2.55 13.57
CA VAL C 121 -1.60 -2.28 12.58
C VAL C 121 -2.84 -1.63 13.19
N ALA C 122 -3.68 -1.08 12.32
CA ALA C 122 -4.90 -0.38 12.74
C ALA C 122 -6.14 -0.94 12.05
N ARG C 123 -7.31 -0.71 12.64
CA ARG C 123 -8.59 -1.09 12.02
C ARG C 123 -9.43 0.14 11.72
N ASP C 124 -10.62 -0.07 11.15
CA ASP C 124 -11.52 1.03 10.83
C ASP C 124 -10.87 2.03 9.89
N ILE C 125 -10.14 1.50 8.93
CA ILE C 125 -9.43 2.27 7.95
C ILE C 125 -10.35 3.20 7.16
N ASP C 126 -11.57 2.74 6.88
CA ASP C 126 -12.53 3.56 6.16
C ASP C 126 -12.92 4.83 6.91
N THR C 127 -13.10 4.70 8.22
CA THR C 127 -13.40 5.84 9.11
C THR C 127 -12.23 6.81 9.15
N VAL C 128 -11.05 6.24 9.29
CA VAL C 128 -9.82 7.02 9.35
C VAL C 128 -9.65 7.85 8.07
N ILE C 129 -9.87 7.19 6.92
CA ILE C 129 -9.85 7.88 5.62
C ILE C 129 -10.95 8.95 5.54
N ASN C 130 -12.16 8.57 5.94
CA ASN C 130 -13.31 9.50 5.87
CA ASN C 130 -13.31 9.49 5.87
C ASN C 130 -13.08 10.74 6.72
N CYS C 131 -12.41 10.55 7.85
CA CYS C 131 -12.07 11.61 8.79
C CYS C 131 -10.80 12.38 8.40
N ASN C 132 -10.11 11.88 7.37
CA ASN C 132 -8.82 12.45 6.93
C ASN C 132 -7.81 12.55 8.06
N TYR C 133 -7.75 11.52 8.89
CA TYR C 133 -6.90 11.51 10.08
C TYR C 133 -5.52 10.94 9.73
N PRO C 134 -4.44 11.64 10.14
CA PRO C 134 -3.12 11.18 9.77
C PRO C 134 -2.66 9.92 10.53
N LEU C 135 -2.88 8.78 9.89
CA LEU C 135 -2.54 7.47 10.46
C LEU C 135 -1.41 6.83 9.71
N PHE C 136 -0.42 6.37 10.46
CA PHE C 136 0.73 5.70 9.90
C PHE C 136 0.90 4.38 10.61
N SER C 137 1.05 3.29 9.86
CA SER C 137 1.13 1.99 10.49
C SER C 137 1.77 0.98 9.55
N ARG C 138 2.02 -0.22 10.06
CA ARG C 138 2.53 -1.30 9.23
C ARG C 138 1.46 -1.98 8.40
N GLY C 139 0.24 -1.49 8.49
CA GLY C 139 -0.83 -2.13 7.72
C GLY C 139 -2.19 -2.01 8.34
N ARG C 140 -3.10 -2.78 7.78
CA ARG C 140 -4.53 -2.71 8.06
C ARG C 140 -5.06 -4.08 8.41
N PHE C 141 -5.83 -4.15 9.50
CA PHE C 141 -6.52 -5.38 9.91
C PHE C 141 -7.79 -5.03 10.67
N MSE C 142 -8.53 -6.00 11.19
CA MSE C 142 -9.79 -5.69 11.87
C MSE C 142 -9.94 -6.28 13.28
O MSE C 142 -10.81 -5.87 14.04
CB MSE C 142 -11.00 -6.10 10.99
CG MSE C 142 -11.40 -7.55 11.09
SE MSE C 142 -10.10 -8.84 10.43
CE MSE C 142 -10.03 -8.22 8.55
N GLN C 143 -9.07 -7.24 13.62
CA GLN C 143 -9.20 -7.94 14.89
C GLN C 143 -8.74 -7.04 16.04
N SER C 144 -9.56 -7.02 17.07
CA SER C 144 -9.42 -6.16 18.25
C SER C 144 -8.20 -6.53 19.05
N ALA C 145 -7.65 -5.56 19.80
CA ALA C 145 -6.62 -5.83 20.81
C ALA C 145 -7.13 -6.70 21.96
N LYS C 146 -8.45 -6.69 22.18
CA LYS C 146 -9.03 -7.34 23.35
C LYS C 146 -8.69 -8.84 23.36
N ASN C 147 -8.09 -9.27 24.47
CA ASN C 147 -7.58 -10.65 24.62
C ASN C 147 -6.43 -11.01 23.68
N ARG C 148 -5.83 -10.03 23.00
CA ARG C 148 -4.71 -10.28 22.10
C ARG C 148 -3.44 -9.57 22.53
N THR C 149 -3.61 -8.33 22.96
CA THR C 149 -2.50 -7.52 23.46
C THR C 149 -3.08 -6.61 24.53
N GLN C 150 -2.23 -6.08 25.42
CA GLN C 150 -2.71 -5.22 26.49
C GLN C 150 -1.74 -4.08 26.76
N LEU C 151 -2.27 -2.95 27.23
CA LEU C 151 -1.40 -1.83 27.58
C LEU C 151 -0.46 -2.18 28.71
N LYS C 152 0.80 -1.79 28.56
CA LYS C 152 1.81 -1.96 29.59
C LYS C 152 2.01 -0.61 30.28
N ALA C 153 2.30 0.41 29.47
CA ALA C 153 2.66 1.71 30.01
C ALA C 153 2.53 2.78 28.93
N VAL C 154 2.24 4.00 29.36
CA VAL C 154 2.35 5.15 28.45
C VAL C 154 3.41 6.14 28.96
N GLN C 155 3.97 6.91 28.03
CA GLN C 155 5.00 7.91 28.32
C GLN C 155 6.31 7.29 28.81
N VAL C 156 6.64 6.15 28.20
CA VAL C 156 7.92 5.49 28.40
C VAL C 156 8.70 5.49 27.08
N PRO C 157 10.04 5.37 27.13
CA PRO C 157 10.80 5.24 25.89
C PRO C 157 10.35 4.03 25.06
N LEU C 158 10.21 4.21 23.75
CA LEU C 158 9.98 3.08 22.83
C LEU C 158 11.21 2.85 21.97
N VAL C 159 11.42 1.60 21.57
CA VAL C 159 12.46 1.38 20.58
C VAL C 159 11.83 0.65 19.40
N ILE C 160 11.80 1.31 18.25
CA ILE C 160 11.16 0.75 17.04
C ILE C 160 12.25 0.61 15.99
N ASP C 161 12.51 -0.62 15.55
CA ASP C 161 13.58 -0.86 14.56
C ASP C 161 14.92 -0.20 14.99
N GLY C 162 15.26 -0.24 16.29
CA GLY C 162 16.49 0.39 16.79
C GLY C 162 16.47 1.90 17.00
N ILE C 163 15.32 2.53 16.75
CA ILE C 163 15.16 3.97 16.93
C ILE C 163 14.38 4.22 18.21
N THR C 164 14.98 5.00 19.10
CA THR C 164 14.39 5.33 20.36
C THR C 164 13.45 6.54 20.18
N ILE C 165 12.24 6.45 20.75
CA ILE C 165 11.27 7.56 20.81
C ILE C 165 11.04 7.81 22.29
N GLN C 166 11.37 9.02 22.72
CA GLN C 166 11.09 9.47 24.07
C GLN C 166 9.83 10.35 24.03
N PRO C 167 8.98 10.24 25.08
CA PRO C 167 7.88 11.18 25.24
C PRO C 167 8.41 12.60 25.09
N GLY C 168 7.78 13.37 24.22
CA GLY C 168 8.20 14.77 24.02
C GLY C 168 9.00 14.98 22.75
N ASP C 169 9.42 13.90 22.12
CA ASP C 169 10.17 14.01 20.84
C ASP C 169 9.29 14.63 19.74
N LEU C 170 9.94 15.26 18.77
CA LEU C 170 9.20 15.86 17.68
C LEU C 170 8.93 14.82 16.58
N MSE C 171 7.65 14.61 16.24
CA MSE C 171 7.27 13.59 15.22
C MSE C 171 6.78 14.32 14.00
O MSE C 171 5.90 15.23 14.10
CB MSE C 171 6.10 12.72 15.72
CG MSE C 171 6.36 11.95 16.98
SE MSE C 171 7.86 10.67 16.81
CE MSE C 171 7.23 9.57 15.32
N VAL C 172 7.33 13.96 12.84
CA VAL C 172 6.87 14.56 11.56
C VAL C 172 6.66 13.39 10.61
N CYS C 173 5.44 13.34 10.05
CA CYS C 173 5.05 12.22 9.20
C CYS C 173 4.34 12.74 7.97
N ASP C 174 4.62 12.10 6.83
CA ASP C 174 3.94 12.41 5.57
C ASP C 174 3.89 11.18 4.66
N GLY C 175 3.65 11.40 3.37
CA GLY C 175 3.57 10.27 2.42
C GLY C 175 4.80 9.37 2.38
N SER C 176 5.96 9.93 2.74
CA SER C 176 7.20 9.15 2.72
C SER C 176 7.45 8.35 4.01
N GLY C 177 6.58 8.53 5.01
CA GLY C 177 6.73 7.84 6.29
C GLY C 177 6.90 8.76 7.48
N CYS C 178 7.50 8.23 8.54
CA CYS C 178 7.61 8.95 9.83
C CYS C 178 9.07 9.13 10.27
N VAL C 179 9.36 10.31 10.79
CA VAL C 179 10.71 10.67 11.30
C VAL C 179 10.62 11.08 12.77
N VAL C 180 11.55 10.59 13.58
CA VAL C 180 11.63 10.93 15.03
C VAL C 180 12.78 11.90 15.22
N VAL C 181 12.48 13.08 15.75
CA VAL C 181 13.49 14.09 16.01
C VAL C 181 13.67 14.20 17.52
N PRO C 182 14.87 13.89 18.05
CA PRO C 182 15.03 14.01 19.50
C PRO C 182 14.73 15.42 20.01
N GLN C 183 13.99 15.49 21.11
CA GLN C 183 13.54 16.78 21.62
C GLN C 183 14.70 17.73 21.93
N GLN C 184 15.80 17.21 22.44
CA GLN C 184 16.92 18.10 22.75
C GLN C 184 17.57 18.70 21.50
N LEU C 185 17.28 18.15 20.33
CA LEU C 185 17.86 18.62 19.09
C LEU C 185 16.85 19.30 18.17
N ALA C 186 15.60 19.43 18.60
CA ALA C 186 14.52 19.75 17.70
C ALA C 186 14.70 21.09 17.00
N ALA C 187 15.00 22.14 17.76
CA ALA C 187 15.24 23.48 17.18
C ALA C 187 16.39 23.47 16.15
N GLU C 188 17.48 22.82 16.49
CA GLU C 188 18.63 22.75 15.60
C GLU C 188 18.30 21.96 14.33
N VAL C 189 17.57 20.84 14.46
CA VAL C 189 17.21 20.03 13.30
C VAL C 189 16.27 20.80 12.35
N VAL C 190 15.34 21.54 12.93
CA VAL C 190 14.39 22.30 12.13
C VAL C 190 15.12 23.42 11.35
N LEU C 191 16.05 24.10 12.01
CA LEU C 191 16.91 25.07 11.35
C LEU C 191 17.72 24.45 10.19
N ARG C 192 18.32 23.28 10.44
CA ARG C 192 19.08 22.64 9.37
C ARG C 192 18.18 22.17 8.21
N ALA C 193 16.99 21.67 8.53
CA ALA C 193 16.05 21.18 7.53
C ALA C 193 15.61 22.31 6.63
N ARG C 194 15.39 23.48 7.22
CA ARG C 194 14.99 24.61 6.40
C ARG C 194 16.07 25.00 5.37
N ALA C 195 17.33 24.94 5.79
CA ALA C 195 18.46 25.22 4.94
C ALA C 195 18.62 24.17 3.83
N VAL C 196 18.41 22.90 4.18
CA VAL C 196 18.38 21.84 3.16
C VAL C 196 17.30 22.10 2.08
N GLU C 197 16.11 22.48 2.51
CA GLU C 197 15.00 22.74 1.59
C GLU C 197 15.34 23.91 0.69
N GLN C 198 15.94 24.96 1.26
CA GLN C 198 16.33 26.13 0.46
C GLN C 198 17.33 25.79 -0.63
N THR C 199 18.41 25.09 -0.26
CA THR C 199 19.44 24.64 -1.22
C THR C 199 18.81 23.80 -2.34
N GLU C 200 17.94 22.89 -1.96
CA GLU C 200 17.30 21.98 -2.92
C GLU C 200 16.34 22.69 -3.86
N ARG C 201 15.63 23.68 -3.34
CA ARG C 201 14.71 24.44 -4.17
C ARG C 201 15.47 25.15 -5.29
N ARG C 202 16.66 25.67 -4.98
CA ARG C 202 17.46 26.34 -6.00
C ARG C 202 17.96 25.31 -7.01
N ILE C 203 18.32 24.12 -6.53
CA ILE C 203 18.76 23.09 -7.44
C ILE C 203 17.65 22.70 -8.42
N ILE C 204 16.45 22.49 -7.87
CA ILE C 204 15.27 22.17 -8.68
C ILE C 204 14.99 23.30 -9.67
N GLU C 205 15.03 24.52 -9.18
CA GLU C 205 14.81 25.67 -10.08
C GLU C 205 15.82 25.67 -11.24
N ALA C 206 17.07 25.34 -10.92
CA ALA C 206 18.10 25.28 -11.93
C ALA C 206 17.87 24.19 -12.99
N ILE C 207 17.66 22.96 -12.54
CA ILE C 207 17.37 21.90 -13.49
C ILE C 207 16.07 22.11 -14.28
N SER C 208 15.13 22.88 -13.72
CA SER C 208 13.89 23.19 -14.43
C SER C 208 14.06 24.36 -15.42
N SER C 209 15.25 24.93 -15.41
CA SER C 209 15.63 25.95 -16.39
C SER C 209 16.71 25.44 -17.36
N GLY C 210 16.90 24.11 -17.38
CA GLY C 210 17.79 23.48 -18.34
C GLY C 210 19.22 23.28 -17.92
N SER C 211 19.52 23.47 -16.63
CA SER C 211 20.83 23.10 -16.09
C SER C 211 20.97 21.61 -16.07
N THR C 212 22.18 21.11 -16.32
CA THR C 212 22.48 19.71 -15.93
C THR C 212 22.44 19.64 -14.40
N LEU C 213 22.22 18.44 -13.87
CA LEU C 213 22.26 18.25 -12.44
C LEU C 213 23.67 18.55 -11.92
N GLU C 214 24.68 18.12 -12.70
CA GLU C 214 26.07 18.38 -12.35
C GLU C 214 26.29 19.86 -12.08
N GLN C 215 25.88 20.69 -13.04
CA GLN C 215 26.00 22.17 -12.96
C GLN C 215 25.32 22.73 -11.71
N ALA C 216 24.06 22.34 -11.53
CA ALA C 216 23.23 22.82 -10.43
C ALA C 216 23.84 22.50 -9.07
N ARG C 217 24.34 21.28 -8.91
CA ARG C 217 24.85 20.80 -7.62
C ARG C 217 26.08 21.53 -7.08
N MSE C 218 26.89 22.09 -7.97
CA MSE C 218 28.06 22.83 -7.51
C MSE C 218 28.00 24.32 -7.77
O MSE C 218 28.94 25.06 -7.49
CB MSE C 218 29.35 22.23 -8.02
CG MSE C 218 29.18 21.22 -9.11
SE MSE C 218 30.83 21.03 -10.08
CE MSE C 218 30.43 22.14 -11.64
N THR C 219 26.88 24.79 -8.32
CA THR C 219 26.59 26.23 -8.23
C THR C 219 25.82 26.47 -6.93
N TYR C 220 25.26 25.39 -6.37
CA TYR C 220 24.53 25.40 -5.09
C TYR C 220 24.93 24.19 -4.23
CL CL D . 16.27 13.33 -5.53
MG MG E . 13.08 17.93 -0.64
MG MG F . -6.71 -7.07 -20.76
CL CL G . -9.65 -12.37 -16.31
MG MG H . -16.81 0.47 14.70
CL CL I . -10.92 2.43 18.62
#